data_2CD2
#
_entry.id   2CD2
#
_cell.length_a   37.305
_cell.length_b   43.145
_cell.length_c   61.147
_cell.angle_alpha   90.00
_cell.angle_beta   94.77
_cell.angle_gamma   90.00
#
_symmetry.space_group_name_H-M   'P 1 21 1'
#
loop_
_entity.id
_entity.type
_entity.pdbx_description
1 polymer 'DIHYDROFOLATE REDUCTASE'
2 non-polymer 'NADP NICOTINAMIDE-ADENINE-DINUCLEOTIDE PHOSPHATE'
3 non-polymer 'FOLIC ACID'
4 water water
#
_entity_poly.entity_id   1
_entity_poly.type   'polypeptide(L)'
_entity_poly.pdbx_seq_one_letter_code
;MNQQKSLTLIVALTTSYGIGRSNSLPWKLKKEISYFKRVTSFVPTFDSFESMNVVLMGRKTWESIPLQFRPLKGRINVVI
TRNESLDLGNGIHSAKSLDHALELLYRTYGSESSVQINRIFVIGGAQLYKAAMDHPKLDRIMATIIYKDIHCDVFFPLKF
RDKEWSSVWKKEKHSDLESWVGTKVPHGKINEDGFDYEFEMWTRDL
;
_entity_poly.pdbx_strand_id   A
#
loop_
_chem_comp.id
_chem_comp.type
_chem_comp.name
_chem_comp.formula
FOL non-polymer 'FOLIC ACID' 'C19 H19 N7 O6'
NAP non-polymer 'NADP NICOTINAMIDE-ADENINE-DINUCLEOTIDE PHOSPHATE' 'C21 H28 N7 O17 P3'
#
# COMPACT_ATOMS: atom_id res chain seq x y z
N MET A 1 14.11 -2.79 16.74
CA MET A 1 15.09 -3.74 16.16
C MET A 1 14.50 -4.23 14.85
N ASN A 2 13.57 -5.16 14.93
CA ASN A 2 12.90 -5.71 13.74
C ASN A 2 11.84 -4.70 13.26
N GLN A 3 10.83 -4.43 14.07
CA GLN A 3 9.81 -3.48 13.61
C GLN A 3 9.41 -2.49 14.73
N GLN A 4 9.92 -1.31 14.44
CA GLN A 4 9.76 -0.07 15.21
C GLN A 4 8.43 0.55 14.77
N LYS A 5 8.33 1.05 13.57
CA LYS A 5 7.19 1.70 12.95
C LYS A 5 5.96 0.85 12.61
N SER A 6 4.85 1.53 12.45
CA SER A 6 3.53 1.04 12.06
C SER A 6 3.57 0.77 10.55
N LEU A 7 2.70 -0.13 10.12
CA LEU A 7 2.62 -0.45 8.67
C LEU A 7 1.29 0.16 8.21
N THR A 8 1.23 0.55 6.96
CA THR A 8 0.00 1.04 6.36
C THR A 8 -0.22 0.18 5.09
N LEU A 9 -1.46 -0.29 4.92
CA LEU A 9 -1.82 -1.04 3.72
C LEU A 9 -2.58 -0.12 2.76
N ILE A 10 -2.25 -0.19 1.48
CA ILE A 10 -2.98 0.64 0.48
C ILE A 10 -3.51 -0.33 -0.55
N VAL A 11 -4.82 -0.19 -0.83
CA VAL A 11 -5.53 -1.02 -1.79
C VAL A 11 -6.70 -0.32 -2.47
N ALA A 12 -7.06 -0.83 -3.62
CA ALA A 12 -8.21 -0.35 -4.41
C ALA A 12 -8.98 -1.66 -4.61
N LEU A 13 -10.21 -1.63 -4.13
CA LEU A 13 -11.00 -2.86 -4.24
C LEU A 13 -12.48 -2.64 -4.52
N THR A 14 -13.11 -3.67 -5.05
CA THR A 14 -14.59 -3.53 -5.29
C THR A 14 -15.36 -3.84 -4.01
N THR A 15 -16.64 -3.58 -4.05
CA THR A 15 -17.50 -3.84 -2.88
C THR A 15 -17.52 -5.33 -2.57
N SER A 16 -17.02 -6.14 -3.47
CA SER A 16 -16.93 -7.59 -3.34
C SER A 16 -15.54 -8.05 -2.95
N TYR A 17 -14.67 -7.09 -2.67
CA TYR A 17 -13.27 -7.35 -2.25
C TYR A 17 -12.38 -7.86 -3.35
N GLY A 18 -12.86 -7.64 -4.58
CA GLY A 18 -12.09 -8.04 -5.80
C GLY A 18 -10.94 -7.07 -5.94
N ILE A 19 -9.73 -7.53 -6.26
CA ILE A 19 -8.57 -6.62 -6.37
C ILE A 19 -7.79 -6.81 -7.66
N GLY A 20 -8.00 -7.88 -8.40
CA GLY A 20 -7.21 -8.03 -9.62
C GLY A 20 -7.82 -9.11 -10.50
N ARG A 21 -7.25 -9.09 -11.72
CA ARG A 21 -7.66 -10.08 -12.73
C ARG A 21 -6.50 -10.27 -13.72
N SER A 22 -6.21 -11.53 -13.95
CA SER A 22 -5.14 -11.94 -14.90
C SER A 22 -3.83 -11.19 -14.70
N ASN A 23 -3.36 -11.20 -13.45
CA ASN A 23 -2.17 -10.56 -12.96
C ASN A 23 -2.18 -9.05 -13.24
N SER A 24 -3.38 -8.53 -13.36
CA SER A 24 -3.49 -7.07 -13.59
C SER A 24 -4.67 -6.48 -12.86
N LEU A 25 -4.73 -5.15 -12.81
CA LEU A 25 -5.90 -4.50 -12.15
C LEU A 25 -6.94 -4.51 -13.28
N PRO A 26 -8.18 -4.76 -12.92
CA PRO A 26 -9.25 -4.82 -13.92
C PRO A 26 -9.87 -3.48 -14.28
N TRP A 27 -9.15 -2.38 -14.01
CA TRP A 27 -9.75 -1.07 -14.34
C TRP A 27 -8.62 -0.13 -14.73
N LYS A 28 -8.99 0.92 -15.40
CA LYS A 28 -8.06 1.95 -15.85
C LYS A 28 -8.50 3.25 -15.14
N LEU A 29 -7.91 3.58 -14.02
CA LEU A 29 -8.31 4.78 -13.30
C LEU A 29 -7.13 5.71 -13.05
N LYS A 30 -7.06 6.72 -13.89
CA LYS A 30 -6.02 7.75 -13.90
C LYS A 30 -5.99 8.63 -12.67
N LYS A 31 -7.12 9.11 -12.19
CA LYS A 31 -7.11 9.95 -10.99
C LYS A 31 -6.90 9.07 -9.75
N GLU A 32 -7.23 7.78 -9.90
CA GLU A 32 -7.08 6.85 -8.81
C GLU A 32 -5.63 6.49 -8.66
N ILE A 33 -4.93 6.13 -9.71
CA ILE A 33 -3.49 5.79 -9.65
C ILE A 33 -2.71 7.03 -9.26
N SER A 34 -3.24 8.23 -9.52
CA SER A 34 -2.53 9.46 -9.12
C SER A 34 -2.63 9.59 -7.60
N TYR A 35 -3.76 9.13 -7.11
CA TYR A 35 -3.94 9.21 -5.63
C TYR A 35 -2.94 8.21 -5.00
N PHE A 36 -2.79 7.07 -5.64
CA PHE A 36 -1.84 6.05 -5.10
C PHE A 36 -0.47 6.70 -4.98
N LYS A 37 -0.05 7.30 -6.12
CA LYS A 37 1.27 7.95 -6.15
C LYS A 37 1.42 9.03 -5.13
N ARG A 38 0.51 9.90 -4.86
CA ARG A 38 0.56 10.99 -3.89
C ARG A 38 0.76 10.49 -2.46
N VAL A 39 -0.16 9.60 -2.08
CA VAL A 39 -0.15 9.00 -0.72
C VAL A 39 1.18 8.31 -0.42
N THR A 40 1.57 7.44 -1.33
CA THR A 40 2.80 6.67 -1.15
C THR A 40 4.08 7.48 -1.29
N SER A 41 4.00 8.71 -1.78
CA SER A 41 5.17 9.56 -2.00
C SER A 41 5.29 10.66 -0.97
N PHE A 42 4.18 11.06 -0.41
CA PHE A 42 4.06 12.10 0.59
C PHE A 42 4.82 11.96 1.92
N VAL A 43 5.70 12.95 2.13
CA VAL A 43 6.52 13.08 3.35
C VAL A 43 6.40 14.56 3.72
N PRO A 44 6.18 14.81 4.99
CA PRO A 44 6.04 16.17 5.51
C PRO A 44 7.26 17.00 5.13
N THR A 45 6.92 18.24 4.87
CA THR A 45 7.77 19.35 4.42
C THR A 45 9.12 19.50 5.09
N PHE A 46 9.05 19.53 6.40
CA PHE A 46 10.21 19.67 7.31
C PHE A 46 11.13 18.45 7.22
N ASP A 47 10.53 17.27 7.25
CA ASP A 47 11.18 15.96 7.18
C ASP A 47 11.55 15.68 5.70
N SER A 48 11.11 16.60 4.88
CA SER A 48 11.33 16.49 3.42
C SER A 48 12.79 16.23 3.04
N PHE A 49 13.64 16.90 3.83
CA PHE A 49 15.09 16.86 3.62
C PHE A 49 15.78 15.52 3.49
N GLU A 50 15.60 14.60 4.40
CA GLU A 50 16.26 13.28 4.34
C GLU A 50 15.37 12.09 4.08
N SER A 51 14.13 12.17 4.54
CA SER A 51 13.10 11.14 4.48
C SER A 51 12.51 10.71 3.16
N MET A 52 12.25 9.40 3.11
CA MET A 52 11.65 8.71 1.96
C MET A 52 10.67 7.66 2.50
N ASN A 53 9.75 7.21 1.66
CA ASN A 53 8.75 6.18 2.02
C ASN A 53 9.23 4.92 1.29
N VAL A 54 8.69 3.82 1.82
CA VAL A 54 8.91 2.47 1.36
C VAL A 54 7.59 1.84 0.92
N VAL A 55 7.67 1.13 -0.15
CA VAL A 55 6.59 0.37 -0.77
C VAL A 55 7.10 -1.07 -0.76
N LEU A 56 6.32 -1.91 -0.08
CA LEU A 56 6.57 -3.32 0.03
C LEU A 56 5.54 -4.02 -0.88
N MET A 57 6.03 -4.92 -1.73
CA MET A 57 5.11 -5.65 -2.60
C MET A 57 5.51 -7.07 -2.84
N GLY A 58 4.58 -7.91 -3.21
CA GLY A 58 4.71 -9.31 -3.57
C GLY A 58 5.33 -9.32 -4.98
N ARG A 59 5.98 -10.42 -5.30
CA ARG A 59 6.63 -10.49 -6.65
C ARG A 59 5.58 -10.34 -7.74
N LYS A 60 4.52 -11.12 -7.85
CA LYS A 60 3.49 -10.98 -8.91
C LYS A 60 3.07 -9.51 -9.08
N THR A 61 3.03 -8.76 -7.99
CA THR A 61 2.66 -7.32 -8.06
C THR A 61 3.81 -6.57 -8.73
N TRP A 62 5.04 -6.94 -8.35
CA TRP A 62 6.21 -6.29 -8.99
C TRP A 62 6.07 -6.51 -10.51
N GLU A 63 5.86 -7.78 -10.87
CA GLU A 63 5.70 -8.17 -12.25
C GLU A 63 4.60 -7.41 -12.96
N SER A 64 3.48 -7.17 -12.30
CA SER A 64 2.29 -6.48 -12.79
C SER A 64 2.43 -4.98 -12.99
N ILE A 65 3.52 -4.33 -12.60
CA ILE A 65 3.76 -2.92 -12.81
C ILE A 65 4.37 -2.73 -14.23
N PRO A 66 3.83 -1.75 -14.96
CA PRO A 66 4.31 -1.42 -16.29
C PRO A 66 5.79 -1.13 -16.20
N LEU A 67 6.54 -1.86 -16.98
CA LEU A 67 8.00 -1.77 -17.06
C LEU A 67 8.47 -0.33 -17.00
N GLN A 68 7.60 0.53 -17.49
CA GLN A 68 7.79 1.98 -17.53
C GLN A 68 7.69 2.66 -16.16
N PHE A 69 6.82 2.15 -15.29
CA PHE A 69 6.61 2.79 -13.98
C PHE A 69 7.40 2.20 -12.82
N ARG A 70 8.23 1.26 -13.20
CA ARG A 70 9.06 0.46 -12.32
C ARG A 70 10.57 0.53 -12.42
N PRO A 71 11.25 0.61 -11.29
CA PRO A 71 10.72 0.63 -9.93
C PRO A 71 9.88 1.89 -9.74
N LEU A 72 9.04 1.89 -8.73
CA LEU A 72 8.24 3.07 -8.38
C LEU A 72 9.15 4.19 -7.85
N LYS A 73 9.18 5.27 -8.62
CA LYS A 73 10.00 6.45 -8.34
C LYS A 73 9.65 7.06 -6.98
N GLY A 74 10.84 7.68 -6.43
CA GLY A 74 10.77 8.52 -5.24
C GLY A 74 10.44 7.71 -3.98
N ARG A 75 10.35 6.41 -4.14
CA ARG A 75 10.07 5.55 -2.97
C ARG A 75 11.05 4.37 -2.93
N ILE A 76 11.34 3.95 -1.70
CA ILE A 76 12.22 2.75 -1.55
C ILE A 76 11.34 1.55 -1.90
N ASN A 77 11.68 0.76 -2.89
CA ASN A 77 10.94 -0.42 -3.28
C ASN A 77 11.58 -1.69 -2.73
N VAL A 78 10.74 -2.59 -2.24
CA VAL A 78 11.24 -3.87 -1.73
C VAL A 78 10.31 -4.95 -2.23
N VAL A 79 10.80 -6.02 -2.81
CA VAL A 79 9.98 -7.13 -3.29
C VAL A 79 10.13 -8.31 -2.32
N ILE A 80 9.05 -8.89 -1.93
CA ILE A 80 8.98 -10.05 -1.04
C ILE A 80 8.90 -11.29 -1.94
N THR A 81 9.89 -12.16 -1.87
CA THR A 81 10.03 -13.40 -2.61
C THR A 81 10.68 -14.52 -1.78
N ARG A 82 10.04 -15.65 -1.66
CA ARG A 82 10.62 -16.77 -0.87
C ARG A 82 11.64 -17.51 -1.72
N ASN A 83 11.76 -17.01 -2.92
CA ASN A 83 12.62 -17.57 -3.97
C ASN A 83 13.19 -16.41 -4.80
N GLU A 84 14.39 -16.02 -4.43
CA GLU A 84 15.07 -14.93 -5.13
C GLU A 84 16.24 -15.53 -5.89
N SER A 85 16.00 -15.65 -7.20
CA SER A 85 17.07 -16.20 -8.08
C SER A 85 18.02 -15.00 -8.18
N LEU A 86 17.32 -13.92 -8.47
CA LEU A 86 17.83 -12.57 -8.65
C LEU A 86 16.69 -11.56 -8.47
N ASP A 87 17.01 -10.34 -8.80
CA ASP A 87 16.12 -9.16 -8.79
C ASP A 87 16.76 -8.24 -9.84
N LEU A 88 15.92 -7.76 -10.73
CA LEU A 88 16.45 -6.85 -11.79
C LEU A 88 16.24 -5.43 -11.26
N GLY A 89 17.24 -4.98 -10.50
CA GLY A 89 17.19 -3.62 -9.92
C GLY A 89 18.58 -3.03 -9.75
N ASN A 90 18.56 -1.75 -9.40
CA ASN A 90 19.76 -0.94 -9.17
C ASN A 90 19.51 -0.07 -7.91
N GLY A 91 19.28 -0.77 -6.82
CA GLY A 91 19.04 -0.11 -5.51
C GLY A 91 17.66 -0.49 -4.96
N ILE A 92 17.15 -1.60 -5.46
CA ILE A 92 15.87 -2.24 -5.18
C ILE A 92 16.14 -3.54 -4.41
N HIS A 93 15.52 -3.61 -3.23
CA HIS A 93 15.73 -4.82 -2.41
C HIS A 93 14.69 -5.91 -2.62
N SER A 94 15.14 -7.04 -2.14
CA SER A 94 14.50 -8.36 -2.08
C SER A 94 14.55 -8.78 -0.61
N ALA A 95 13.56 -9.44 -0.12
CA ALA A 95 13.46 -9.96 1.26
C ALA A 95 12.50 -11.14 1.23
N LYS A 96 12.80 -12.09 2.10
CA LYS A 96 12.18 -13.38 2.31
C LYS A 96 10.78 -13.34 2.87
N SER A 97 10.55 -12.27 3.64
CA SER A 97 9.22 -12.12 4.26
C SER A 97 9.11 -10.68 4.69
N LEU A 98 7.94 -10.40 5.22
CA LEU A 98 7.63 -9.06 5.72
C LEU A 98 8.61 -8.62 6.79
N ASP A 99 8.87 -9.49 7.78
CA ASP A 99 9.80 -9.13 8.88
C ASP A 99 11.26 -9.03 8.40
N HIS A 100 11.57 -9.90 7.46
CA HIS A 100 12.92 -9.91 6.89
C HIS A 100 13.11 -8.55 6.17
N ALA A 101 12.07 -8.09 5.52
CA ALA A 101 12.16 -6.79 4.84
C ALA A 101 12.30 -5.72 5.87
N LEU A 102 11.54 -5.74 6.96
CA LEU A 102 11.70 -4.67 7.99
C LEU A 102 13.10 -4.71 8.55
N GLU A 103 13.65 -5.93 8.76
CA GLU A 103 15.05 -5.92 9.29
C GLU A 103 16.04 -5.39 8.26
N LEU A 104 15.83 -5.74 7.01
CA LEU A 104 16.69 -5.27 5.91
C LEU A 104 16.70 -3.75 5.91
N LEU A 105 15.53 -3.11 5.95
CA LEU A 105 15.43 -1.63 5.91
C LEU A 105 16.03 -0.92 7.11
N TYR A 106 15.84 -1.49 8.27
CA TYR A 106 16.33 -0.91 9.53
C TYR A 106 17.84 -1.08 9.61
N ARG A 107 18.38 -2.03 8.90
CA ARG A 107 19.83 -2.31 8.82
C ARG A 107 20.44 -1.52 7.65
N THR A 108 19.67 -1.43 6.57
CA THR A 108 20.10 -0.69 5.38
C THR A 108 19.99 0.79 5.60
N TYR A 109 18.92 1.25 6.24
CA TYR A 109 18.69 2.67 6.50
C TYR A 109 18.77 3.12 7.94
N GLY A 110 19.98 2.93 8.46
CA GLY A 110 20.34 3.27 9.84
C GLY A 110 20.97 4.66 9.91
N SER A 111 21.98 4.74 10.74
CA SER A 111 22.74 5.96 11.00
C SER A 111 23.78 6.29 9.94
N GLU A 112 24.29 5.25 9.31
CA GLU A 112 25.30 5.39 8.26
C GLU A 112 24.66 5.88 6.96
N SER A 113 23.34 5.89 6.96
CA SER A 113 22.53 6.31 5.81
C SER A 113 22.17 7.79 5.75
N SER A 114 22.18 8.30 4.51
CA SER A 114 21.81 9.72 4.26
C SER A 114 20.26 9.71 4.28
N VAL A 115 19.76 8.70 3.59
CA VAL A 115 18.37 8.38 3.39
C VAL A 115 17.68 7.72 4.57
N GLN A 116 16.74 8.42 5.17
CA GLN A 116 15.90 8.01 6.30
C GLN A 116 14.50 7.54 5.80
N ILE A 117 13.86 6.70 6.59
CA ILE A 117 12.54 6.16 6.30
C ILE A 117 11.43 6.94 6.99
N ASN A 118 10.41 7.28 6.21
CA ASN A 118 9.27 8.02 6.82
C ASN A 118 8.16 7.01 7.07
N ARG A 119 7.41 6.64 6.07
CA ARG A 119 6.29 5.70 6.21
C ARG A 119 6.53 4.46 5.41
N ILE A 120 5.99 3.34 5.88
CA ILE A 120 6.12 2.03 5.22
C ILE A 120 4.73 1.62 4.73
N PHE A 121 4.64 1.35 3.46
CA PHE A 121 3.39 0.96 2.79
C PHE A 121 3.44 -0.45 2.25
N VAL A 122 2.39 -1.24 2.50
CA VAL A 122 2.29 -2.58 1.93
C VAL A 122 1.31 -2.37 0.74
N ILE A 123 1.80 -2.63 -0.46
CA ILE A 123 0.95 -2.39 -1.65
C ILE A 123 0.44 -3.66 -2.27
N GLY A 124 0.57 -4.83 -1.60
CA GLY A 124 0.00 -6.02 -2.20
C GLY A 124 1.00 -6.99 -2.79
N GLY A 125 0.46 -8.00 -3.40
CA GLY A 125 -0.85 -8.49 -3.69
C GLY A 125 -1.55 -9.22 -2.57
N ALA A 126 -2.59 -9.96 -2.91
CA ALA A 126 -3.35 -10.67 -1.88
C ALA A 126 -2.46 -11.47 -0.90
N GLN A 127 -1.46 -12.19 -1.38
CA GLN A 127 -0.60 -12.98 -0.47
C GLN A 127 0.09 -12.10 0.56
N LEU A 128 0.64 -10.97 0.08
CA LEU A 128 1.32 -10.05 0.96
C LEU A 128 0.29 -9.38 1.86
N TYR A 129 -0.87 -9.08 1.30
CA TYR A 129 -1.94 -8.44 2.09
C TYR A 129 -2.31 -9.31 3.31
N LYS A 130 -2.37 -10.58 3.08
CA LYS A 130 -2.72 -11.60 4.10
C LYS A 130 -1.66 -11.58 5.16
N ALA A 131 -0.38 -11.68 4.81
CA ALA A 131 0.68 -11.61 5.84
C ALA A 131 0.61 -10.29 6.59
N ALA A 132 0.33 -9.14 5.90
CA ALA A 132 0.28 -7.85 6.59
C ALA A 132 -0.93 -7.75 7.53
N MET A 133 -2.06 -8.33 7.15
CA MET A 133 -3.28 -8.27 7.99
C MET A 133 -2.98 -9.05 9.31
N ASP A 134 -2.05 -9.97 9.27
CA ASP A 134 -1.68 -10.72 10.47
C ASP A 134 -0.54 -10.09 11.24
N HIS A 135 0.11 -9.09 10.72
CA HIS A 135 1.25 -8.42 11.38
C HIS A 135 0.79 -7.51 12.48
N PRO A 136 1.43 -7.65 13.67
CA PRO A 136 1.10 -6.88 14.84
C PRO A 136 1.37 -5.42 14.63
N LYS A 137 2.04 -4.98 13.56
CA LYS A 137 2.22 -3.54 13.42
C LYS A 137 1.32 -2.86 12.37
N LEU A 138 0.47 -3.61 11.74
CA LEU A 138 -0.43 -3.00 10.67
C LEU A 138 -1.61 -2.38 11.38
N ASP A 139 -1.75 -1.07 11.27
CA ASP A 139 -2.88 -0.43 11.99
C ASP A 139 -3.70 0.48 11.09
N ARG A 140 -3.39 0.49 9.80
CA ARG A 140 -4.09 1.43 8.89
C ARG A 140 -4.21 0.90 7.49
N ILE A 141 -5.44 1.11 6.96
CA ILE A 141 -5.79 0.71 5.63
C ILE A 141 -6.26 1.97 4.81
N MET A 142 -5.52 2.19 3.73
CA MET A 142 -5.90 3.32 2.81
C MET A 142 -6.67 2.58 1.71
N ALA A 143 -7.99 2.58 1.76
CA ALA A 143 -8.76 1.82 0.78
C ALA A 143 -9.55 2.72 -0.20
N THR A 144 -9.63 2.27 -1.43
CA THR A 144 -10.44 2.96 -2.45
C THR A 144 -11.55 1.95 -2.78
N ILE A 145 -12.79 2.25 -2.51
CA ILE A 145 -13.91 1.38 -2.81
C ILE A 145 -14.46 1.71 -4.21
N ILE A 146 -14.45 0.67 -5.00
CA ILE A 146 -14.96 0.79 -6.40
C ILE A 146 -16.36 0.16 -6.36
N TYR A 147 -17.37 0.95 -6.67
CA TYR A 147 -18.76 0.51 -6.66
C TYR A 147 -19.17 0.01 -8.03
N LYS A 148 -18.65 -1.17 -8.26
CA LYS A 148 -18.93 -1.90 -9.53
C LYS A 148 -18.41 -3.31 -9.25
N ASP A 149 -19.29 -4.25 -9.50
CA ASP A 149 -18.96 -5.68 -9.32
C ASP A 149 -18.22 -6.13 -10.59
N ILE A 150 -16.97 -5.77 -10.67
CA ILE A 150 -16.08 -6.10 -11.79
C ILE A 150 -15.63 -7.56 -11.54
N HIS A 151 -15.58 -8.34 -12.60
CA HIS A 151 -15.12 -9.72 -12.50
C HIS A 151 -13.62 -9.67 -12.14
N CYS A 152 -13.30 -10.41 -11.08
CA CYS A 152 -11.93 -10.46 -10.55
C CYS A 152 -11.59 -11.91 -10.25
N ASP A 153 -10.34 -12.28 -10.15
CA ASP A 153 -9.97 -13.66 -9.84
C ASP A 153 -9.14 -13.68 -8.53
N VAL A 154 -8.75 -12.54 -8.02
CA VAL A 154 -7.96 -12.34 -6.79
C VAL A 154 -8.75 -11.41 -5.88
N PHE A 155 -8.85 -11.82 -4.61
CA PHE A 155 -9.63 -11.12 -3.60
C PHE A 155 -8.82 -10.64 -2.40
N PHE A 156 -9.26 -9.54 -1.81
CA PHE A 156 -8.60 -8.99 -0.58
C PHE A 156 -8.87 -10.08 0.47
N PRO A 157 -7.91 -10.50 1.26
CA PRO A 157 -8.17 -11.64 2.16
C PRO A 157 -9.05 -11.49 3.39
N LEU A 158 -9.32 -10.30 3.91
CA LEU A 158 -10.12 -10.16 5.14
C LEU A 158 -11.17 -9.12 4.83
N LYS A 159 -12.40 -9.40 5.22
CA LYS A 159 -13.52 -8.49 4.96
C LYS A 159 -13.66 -7.44 6.04
N PHE A 160 -12.66 -6.55 5.99
CA PHE A 160 -12.49 -5.51 6.98
C PHE A 160 -13.64 -4.51 7.06
N ARG A 161 -14.41 -4.35 5.98
CA ARG A 161 -15.50 -3.34 6.08
C ARG A 161 -16.79 -4.03 6.53
N ASP A 162 -16.79 -5.33 6.75
CA ASP A 162 -17.94 -6.18 7.13
C ASP A 162 -18.25 -6.16 8.63
N LYS A 163 -19.50 -6.43 8.93
CA LYS A 163 -20.02 -6.42 10.32
C LYS A 163 -19.11 -7.18 11.27
N GLU A 164 -18.63 -8.33 10.87
CA GLU A 164 -17.80 -9.17 11.73
C GLU A 164 -16.49 -8.59 12.19
N TRP A 165 -15.93 -7.62 11.47
CA TRP A 165 -14.69 -6.97 11.84
C TRP A 165 -14.90 -5.56 12.36
N SER A 166 -16.12 -5.17 12.54
CA SER A 166 -16.48 -3.80 12.93
C SER A 166 -16.10 -3.42 14.35
N SER A 167 -15.76 -4.35 15.24
CA SER A 167 -15.34 -3.84 16.56
C SER A 167 -13.83 -3.63 16.48
N VAL A 168 -13.13 -4.11 15.48
CA VAL A 168 -11.69 -3.94 15.35
C VAL A 168 -11.32 -2.80 14.39
N TRP A 169 -11.86 -2.84 13.19
CA TRP A 169 -11.60 -1.84 12.13
C TRP A 169 -12.73 -0.81 12.11
N LYS A 170 -12.24 0.43 12.19
CA LYS A 170 -13.11 1.60 12.22
C LYS A 170 -12.82 2.51 11.01
N LYS A 171 -13.86 3.05 10.38
CA LYS A 171 -13.63 3.98 9.26
C LYS A 171 -13.44 5.37 9.86
N GLU A 172 -12.40 6.08 9.53
CA GLU A 172 -12.15 7.41 10.10
C GLU A 172 -12.83 8.54 9.35
N LYS A 173 -12.99 9.68 9.97
CA LYS A 173 -13.59 10.88 9.39
C LYS A 173 -12.75 11.33 8.19
N HIS A 174 -13.35 11.87 7.18
CA HIS A 174 -12.68 12.36 5.96
C HIS A 174 -11.58 13.36 6.23
N SER A 175 -11.82 14.24 7.19
CA SER A 175 -10.84 15.27 7.60
C SER A 175 -9.61 14.57 8.20
N ASP A 176 -9.77 13.46 8.93
CA ASP A 176 -8.40 13.00 9.38
C ASP A 176 -7.82 12.16 8.28
N LEU A 177 -8.53 11.79 7.23
CA LEU A 177 -7.93 11.09 6.09
C LEU A 177 -7.02 12.15 5.43
N GLU A 178 -7.60 13.31 5.13
CA GLU A 178 -6.89 14.41 4.49
C GLU A 178 -5.67 14.86 5.26
N SER A 179 -5.86 14.94 6.57
CA SER A 179 -4.76 15.34 7.45
C SER A 179 -3.64 14.32 7.37
N TRP A 180 -3.97 13.03 7.28
CA TRP A 180 -2.94 11.99 7.22
C TRP A 180 -2.19 12.06 5.90
N VAL A 181 -2.88 12.27 4.80
CA VAL A 181 -2.21 12.31 3.49
C VAL A 181 -1.58 13.68 3.21
N GLY A 182 -2.08 14.67 3.93
CA GLY A 182 -1.55 16.02 3.80
C GLY A 182 -2.38 16.94 2.93
N THR A 183 -2.74 16.45 1.76
CA THR A 183 -3.55 17.21 0.80
C THR A 183 -5.02 16.96 1.07
N LYS A 184 -5.83 17.90 0.59
CA LYS A 184 -7.30 17.69 0.79
C LYS A 184 -7.57 16.70 -0.33
N VAL A 185 -8.56 15.87 -0.15
CA VAL A 185 -8.95 14.81 -1.09
C VAL A 185 -10.43 14.94 -1.37
N PRO A 186 -10.78 14.47 -2.54
CA PRO A 186 -12.20 14.47 -2.95
C PRO A 186 -12.99 13.63 -1.93
N HIS A 187 -14.08 14.23 -1.52
CA HIS A 187 -15.06 13.70 -0.57
C HIS A 187 -16.06 12.93 -1.41
N GLY A 188 -16.94 12.12 -0.90
CA GLY A 188 -17.90 11.36 -1.68
C GLY A 188 -17.41 10.65 -2.95
N LYS A 189 -18.41 10.23 -3.72
CA LYS A 189 -18.21 9.49 -4.97
C LYS A 189 -17.59 10.31 -6.08
N ILE A 190 -16.67 9.65 -6.75
CA ILE A 190 -15.88 10.16 -7.88
C ILE A 190 -16.27 9.27 -9.04
N ASN A 191 -16.51 9.95 -10.16
CA ASN A 191 -16.88 9.15 -11.38
C ASN A 191 -15.77 9.42 -12.41
N GLU A 192 -15.12 8.33 -12.73
CA GLU A 192 -14.04 8.37 -13.70
C GLU A 192 -14.26 7.19 -14.63
N ASP A 193 -14.58 7.49 -15.88
CA ASP A 193 -14.75 6.38 -16.84
C ASP A 193 -15.78 5.28 -16.61
N GLY A 194 -16.95 5.65 -16.12
CA GLY A 194 -17.98 4.63 -15.89
C GLY A 194 -17.88 4.09 -14.47
N PHE A 195 -16.78 4.37 -13.78
CA PHE A 195 -16.71 3.84 -12.39
C PHE A 195 -16.89 4.97 -11.37
N ASP A 196 -17.55 4.55 -10.33
CA ASP A 196 -17.90 5.25 -9.12
C ASP A 196 -16.98 4.68 -8.03
N TYR A 197 -16.20 5.56 -7.42
CA TYR A 197 -15.31 5.12 -6.35
C TYR A 197 -15.20 6.20 -5.28
N GLU A 198 -14.67 5.75 -4.15
CA GLU A 198 -14.51 6.71 -3.03
C GLU A 198 -13.31 6.30 -2.17
N PHE A 199 -12.68 7.26 -1.58
CA PHE A 199 -11.51 7.15 -0.71
C PHE A 199 -11.96 7.01 0.75
N GLU A 200 -11.36 6.02 1.38
CA GLU A 200 -11.63 5.78 2.82
C GLU A 200 -10.32 5.50 3.56
N MET A 201 -10.36 5.76 4.86
CA MET A 201 -9.22 5.42 5.75
C MET A 201 -9.82 4.66 6.96
N TRP A 202 -9.31 3.48 7.18
CA TRP A 202 -9.68 2.55 8.26
C TRP A 202 -8.49 2.32 9.18
N THR A 203 -8.76 2.26 10.47
CA THR A 203 -7.72 2.05 11.49
C THR A 203 -8.23 1.07 12.55
N ARG A 204 -7.20 0.56 13.23
CA ARG A 204 -7.38 -0.40 14.30
C ARG A 204 -6.34 -0.10 15.42
N ASP A 205 -6.76 -0.48 16.61
CA ASP A 205 -5.88 -0.32 17.79
C ASP A 205 -4.92 -1.51 17.81
N LEU A 206 -3.67 -1.25 18.11
CA LEU A 206 -2.69 -2.35 18.17
C LEU A 206 -2.71 -2.98 19.58
PA NAP B . 1.44 -11.05 -4.70
O1A NAP B . 1.79 -9.73 -5.39
O2A NAP B . 1.23 -10.91 -3.25
O5B NAP B . 2.79 -11.94 -5.13
C5B NAP B . 2.81 -13.35 -4.66
C4B NAP B . 4.32 -13.64 -4.54
O4B NAP B . 4.81 -12.89 -3.70
C3B NAP B . 4.36 -15.11 -3.80
O3B NAP B . 4.23 -15.88 -5.07
C2B NAP B . 5.78 -14.95 -3.21
O2B NAP B . 6.79 -14.92 -4.13
C1B NAP B . 5.67 -13.49 -2.71
N9A NAP B . 5.14 -13.43 -1.37
C8A NAP B . 3.94 -12.86 -1.04
N7A NAP B . 3.68 -12.92 0.24
C5A NAP B . 4.88 -13.62 0.69
C6A NAP B . 5.35 -14.10 2.10
N6A NAP B . 4.48 -13.82 3.10
N1A NAP B . 6.49 -14.68 2.16
C2A NAP B . 7.20 -14.86 1.05
N3A NAP B . 6.89 -14.52 -0.19
C4A NAP B . 5.70 -13.91 -0.29
O3 NAP B . 0.41 -11.84 -5.51
PN NAP B . -1.14 -12.00 -5.81
O1N NAP B . -1.81 -12.46 -4.66
O2N NAP B . -1.30 -12.90 -6.96
O5D NAP B . -1.60 -10.53 -6.29
C5D NAP B . -1.17 -9.88 -7.48
C4D NAP B . -2.53 -9.52 -8.13
O4D NAP B . -3.20 -8.57 -7.19
C3D NAP B . -2.46 -8.86 -9.54
O3D NAP B . -3.70 -9.07 -10.26
C2D NAP B . -2.38 -7.35 -9.13
O2D NAP B . -2.85 -6.56 -10.17
C1D NAP B . -3.40 -7.35 -7.98
N1N NAP B . -3.26 -6.15 -7.04
C2N NAP B . -4.30 -5.21 -6.84
C3N NAP B . -4.05 -4.19 -6.00
C7N NAP B . -5.16 -3.21 -5.80
O7N NAP B . -5.01 -2.28 -5.04
N7N NAP B . -6.26 -3.50 -6.53
C4N NAP B . -2.74 -3.99 -5.24
C5N NAP B . -1.75 -5.07 -5.55
C6N NAP B . -2.01 -6.07 -6.40
P2B NAP B . 7.70 -16.24 -4.78
O1X NAP B . 8.11 -16.96 -3.49
O2X NAP B . 8.76 -15.47 -5.43
O3X NAP B . 6.69 -17.07 -5.49
N1 FOL C . -3.71 1.11 -4.33
C2 FOL C . -4.61 1.95 -4.94
NA2 FOL C . -5.34 2.79 -4.28
N3 FOL C . -4.72 1.92 -6.28
C4 FOL C . -3.97 1.10 -6.98
O4 FOL C . -4.15 1.10 -8.27
C4A FOL C . -3.00 0.20 -6.36
N5 FOL C . -2.23 -0.63 -7.12
C6 FOL C . -1.39 -1.39 -6.47
C7 FOL C . -1.32 -1.34 -5.10
N8 FOL C . -2.04 -0.52 -4.32
C8A FOL C . -2.93 0.24 -4.98
C9 FOL C . -0.55 -2.34 -7.31
N10 FOL C . -0.52 -2.11 -8.74
C11 FOL C . 1.26 1.28 -10.60
C12 FOL C . 0.61 0.29 -11.32
C13 FOL C . 0.04 -0.79 -10.68
C14 FOL C . 0.10 -0.99 -9.29
C15 FOL C . 0.77 0.00 -8.59
C16 FOL C . 1.31 1.10 -9.23
C FOL C . 1.89 2.48 -11.24
O FOL C . 2.28 2.47 -12.43
N FOL C . 2.05 3.57 -10.46
CA FOL C . 2.76 4.81 -10.77
CB FOL C . 1.83 5.89 -11.35
CG FOL C . 1.78 5.71 -12.86
CD FOL C . 1.19 6.95 -13.42
OE1 FOL C . -0.04 7.13 -13.84
OE2 FOL C . 1.79 8.15 -13.45
CT FOL C . 3.49 5.38 -9.55
O1 FOL C . 2.88 5.23 -8.47
O2 FOL C . 4.60 5.93 -9.81
#